data_1RBM
#
_entry.id   1RBM
#
_cell.length_a   126.099
_cell.length_b   126.099
_cell.length_c   94.269
_cell.angle_alpha   90.00
_cell.angle_beta   90.00
_cell.angle_gamma   120.00
#
_symmetry.space_group_name_H-M   'P 31 2 1'
#
loop_
_entity.id
_entity.type
_entity.pdbx_description
1 polymer 'PHOSPHORIBOSYLGLYCINAMIDE FORMYLTRANSFERASE'
2 non-polymer 'PHOSPHATE ION'
3 non-polymer 'N-{4-4-(2,4-DIAMINO-6-OXO-1,6-DIHYDRO-PYRIMIDIN-5-YL)-1-(2,2,2-TRIFLUORO-1,1-DIHYDROXY-ETHYL)-BUT-2-YL-BENZOYL}-GAMMA-GLUTAMYL-GAMMA-GLUTAMYL-GAMMA-GLUTAMYL-GAMMA-GLUTAMYL-GLUTAMIC ACID'
4 water water
#
_entity_poly.entity_id   1
_entity_poly.type   'polypeptide(L)'
_entity_poly.pdbx_seq_one_letter_code
;ARVAVLISGTGSNLQALIDSTREPNSSAQIDIVISNKAAVAGLDKAERAGIPTRVINHKLYKNRVEFDSAIDLVLEEFSI
DIVCLAGFMRILSGPFVQKWNGKMLNIHPSLLPSFKGSNAHEQALETGVTVTGCTVHFVAEDVDAGQIILQEAVPVKRGD
TVATLSERVKLAEHKIFPAALQLVASGTVQLGENGKICWVKEEHHHHHH
;
_entity_poly.pdbx_strand_id   A,B
#
loop_
_chem_comp.id
_chem_comp.type
_chem_comp.name
_chem_comp.formula
KT5 non-polymer 'N-{4-4-(2,4-DIAMINO-6-OXO-1,6-DIHYDRO-PYRIMIDIN-5-YL)-1-(2,2,2-TRIFLUORO-1,1-DIHYDROXY-ETHYL)-BUT-2-YL-BENZOYL}-GAMMA-GLUTAMYL-GAMMA-GLUTAMYL-GAMMA-GLUTAMYL-GAMMA-GLUTAMYL-GLUTAMIC ACID' 'C42 H54 F3 N9 O20'
PO4 non-polymer 'PHOSPHATE ION' 'O4 P -3'
#
# COMPACT_ATOMS: atom_id res chain seq x y z
N ALA A 1 -30.31 13.10 -0.08
CA ALA A 1 -29.61 12.21 0.87
C ALA A 1 -28.36 12.89 1.43
N ARG A 2 -28.06 12.63 2.70
CA ARG A 2 -26.80 13.10 3.29
C ARG A 2 -25.71 12.05 3.10
N VAL A 3 -24.57 12.48 2.57
CA VAL A 3 -23.50 11.56 2.18
C VAL A 3 -22.18 11.79 2.91
N ALA A 4 -21.58 10.69 3.37
CA ALA A 4 -20.21 10.65 3.86
C ALA A 4 -19.33 10.03 2.79
N VAL A 5 -18.12 10.55 2.65
CA VAL A 5 -17.13 9.97 1.78
C VAL A 5 -15.93 9.61 2.65
N LEU A 6 -15.51 8.36 2.60
CA LEU A 6 -14.27 7.93 3.23
C LEU A 6 -13.16 7.87 2.20
N ILE A 7 -11.96 8.26 2.61
CA ILE A 7 -10.80 8.38 1.72
C ILE A 7 -9.55 7.94 2.45
N SER A 8 -8.45 7.73 1.71
CA SER A 8 -7.14 7.51 2.33
C SER A 8 -6.01 8.21 1.57
N GLY A 9 -6.34 9.00 0.55
CA GLY A 9 -5.33 9.66 -0.26
C GLY A 9 -5.75 10.94 -0.96
N THR A 10 -5.39 10.98 -2.25
CA THR A 10 -5.48 12.15 -3.11
C THR A 10 -6.85 12.81 -3.17
N GLY A 11 -7.89 12.00 -3.31
CA GLY A 11 -9.26 12.47 -3.29
C GLY A 11 -9.78 12.93 -4.62
N SER A 12 -9.16 12.50 -5.73
CA SER A 12 -9.66 12.93 -7.05
C SER A 12 -11.12 12.46 -7.27
N ASN A 13 -11.46 11.27 -6.77
CA ASN A 13 -12.83 10.78 -6.74
C ASN A 13 -13.75 11.62 -5.83
N LEU A 14 -13.27 11.92 -4.63
CA LEU A 14 -13.96 12.85 -3.76
C LEU A 14 -14.37 14.11 -4.54
N GLN A 15 -13.42 14.67 -5.27
CA GLN A 15 -13.61 15.92 -5.99
C GLN A 15 -14.73 15.84 -7.02
N ALA A 16 -14.75 14.76 -7.80
CA ALA A 16 -15.82 14.56 -8.77
C ALA A 16 -17.18 14.43 -8.09
N LEU A 17 -17.22 13.80 -6.91
CA LEU A 17 -18.46 13.70 -6.14
C LEU A 17 -18.91 15.07 -5.63
N ILE A 18 -17.95 15.88 -5.15
CA ILE A 18 -18.28 17.23 -4.71
C ILE A 18 -18.90 18.04 -5.84
N ASP A 19 -18.19 18.13 -6.97
CA ASP A 19 -18.68 18.88 -8.12
C ASP A 19 -20.09 18.41 -8.56
N SER A 20 -20.27 17.10 -8.68
CA SER A 20 -21.54 16.50 -9.04
C SER A 20 -22.71 16.74 -8.07
N THR A 21 -22.49 16.56 -6.76
CA THR A 21 -23.56 16.79 -5.79
C THR A 21 -24.01 18.26 -5.76
N ARG A 22 -23.21 19.14 -6.38
CA ARG A 22 -23.53 20.57 -6.38
C ARG A 22 -24.07 21.10 -7.71
N GLU A 23 -24.18 20.20 -8.69
CA GLU A 23 -24.89 20.46 -9.94
C GLU A 23 -26.39 20.57 -9.62
N PRO A 24 -27.20 21.21 -10.46
CA PRO A 24 -28.63 21.35 -10.12
C PRO A 24 -29.37 20.00 -10.21
N ASN A 25 -30.36 19.84 -9.33
CA ASN A 25 -31.22 18.65 -9.29
C ASN A 25 -30.51 17.43 -8.71
N SER A 26 -29.47 17.68 -7.91
CA SER A 26 -28.78 16.64 -7.16
C SER A 26 -29.64 16.09 -6.02
N SER A 27 -29.67 14.76 -5.89
CA SER A 27 -30.39 14.09 -4.80
C SER A 27 -29.51 13.86 -3.56
N ALA A 28 -28.25 14.31 -3.63
CA ALA A 28 -27.28 14.06 -2.57
C ALA A 28 -26.46 15.29 -2.19
N GLN A 29 -26.03 15.35 -0.93
CA GLN A 29 -25.13 16.40 -0.46
C GLN A 29 -24.04 15.73 0.36
N ILE A 30 -22.80 16.15 0.17
CA ILE A 30 -21.69 15.63 0.96
C ILE A 30 -21.49 16.44 2.23
N ASP A 31 -21.67 15.79 3.38
CA ASP A 31 -21.70 16.48 4.67
C ASP A 31 -20.48 16.21 5.53
N ILE A 32 -19.83 15.08 5.28
CA ILE A 32 -18.62 14.76 6.02
C ILE A 32 -17.66 14.00 5.15
N VAL A 33 -16.38 14.25 5.35
CA VAL A 33 -15.33 13.50 4.68
C VAL A 33 -14.42 12.99 5.78
N ILE A 34 -14.19 11.68 5.78
CA ILE A 34 -13.40 11.04 6.81
C ILE A 34 -12.20 10.36 6.18
N SER A 35 -11.01 10.65 6.70
CA SER A 35 -9.79 9.95 6.28
C SER A 35 -9.25 9.06 7.41
N ASN A 36 -8.67 7.92 7.06
CA ASN A 36 -7.97 7.12 8.06
C ASN A 36 -6.52 7.54 8.17
N LYS A 37 -6.08 8.46 7.30
CA LYS A 37 -4.71 8.95 7.33
C LYS A 37 -4.67 10.47 7.35
N ALA A 38 -3.76 11.00 8.17
CA ALA A 38 -3.48 12.43 8.21
C ALA A 38 -2.77 12.91 6.94
N ALA A 39 -2.97 14.21 6.64
CA ALA A 39 -2.15 14.94 5.69
C ALA A 39 -2.26 14.47 4.23
N VAL A 40 -3.40 13.89 3.88
CA VAL A 40 -3.68 13.49 2.50
C VAL A 40 -4.45 14.62 1.81
N ALA A 41 -4.23 14.77 0.50
CA ALA A 41 -4.75 15.89 -0.28
C ALA A 41 -6.28 15.91 -0.29
N GLY A 42 -6.90 14.73 -0.17
CA GLY A 42 -8.34 14.63 -0.07
C GLY A 42 -8.93 15.45 1.05
N LEU A 43 -8.21 15.61 2.15
CA LEU A 43 -8.69 16.43 3.28
C LEU A 43 -8.73 17.91 2.90
N ASP A 44 -7.68 18.36 2.18
CA ASP A 44 -7.63 19.71 1.66
C ASP A 44 -8.78 20.02 0.70
N LYS A 45 -9.08 19.07 -0.19
CA LYS A 45 -10.14 19.22 -1.18
C LYS A 45 -11.50 19.39 -0.47
N ALA A 46 -11.71 18.57 0.56
CA ALA A 46 -12.93 18.66 1.37
C ALA A 46 -13.05 20.03 2.03
N GLU A 47 -11.99 20.43 2.74
CA GLU A 47 -11.96 21.71 3.44
C GLU A 47 -12.12 22.93 2.50
N ARG A 48 -11.49 22.87 1.33
CA ARG A 48 -11.60 23.96 0.34
C ARG A 48 -13.02 24.06 -0.26
N ALA A 49 -13.79 22.98 -0.15
CA ALA A 49 -15.17 22.90 -0.61
C ALA A 49 -16.15 23.30 0.47
N GLY A 50 -15.64 23.56 1.69
CA GLY A 50 -16.43 23.97 2.84
C GLY A 50 -17.08 22.79 3.55
N ILE A 51 -16.47 21.61 3.38
CA ILE A 51 -17.01 20.37 3.93
C ILE A 51 -16.17 19.96 5.13
N PRO A 52 -16.82 19.66 6.27
CA PRO A 52 -16.09 19.24 7.48
C PRO A 52 -15.32 17.93 7.23
N THR A 53 -14.25 17.71 7.99
CA THR A 53 -13.40 16.52 7.84
C THR A 53 -13.01 15.95 9.19
N ARG A 54 -12.72 14.65 9.21
CA ARG A 54 -12.14 14.02 10.38
C ARG A 54 -11.07 13.05 9.94
N VAL A 55 -10.03 12.95 10.75
CA VAL A 55 -9.00 11.95 10.61
C VAL A 55 -9.20 10.98 11.76
N ILE A 56 -9.47 9.73 11.39
CA ILE A 56 -9.67 8.67 12.34
C ILE A 56 -8.59 7.64 12.01
N ASN A 57 -7.50 7.72 12.78
CA ASN A 57 -6.30 6.95 12.46
C ASN A 57 -6.47 5.48 12.87
N HIS A 58 -6.56 4.62 11.86
CA HIS A 58 -6.79 3.19 12.07
C HIS A 58 -5.74 2.50 12.94
N LYS A 59 -4.50 3.00 12.96
CA LYS A 59 -3.43 2.37 13.76
C LYS A 59 -3.62 2.52 15.28
N LEU A 60 -4.54 3.40 15.68
CA LEU A 60 -4.79 3.63 17.09
C LEU A 60 -5.90 2.75 17.66
N TYR A 61 -6.29 1.70 16.93
CA TYR A 61 -7.36 0.81 17.36
C TYR A 61 -6.89 -0.64 17.48
N LYS A 62 -7.41 -1.36 18.47
CA LYS A 62 -7.01 -2.76 18.72
C LYS A 62 -7.39 -3.67 17.57
N ASN A 63 -8.54 -3.39 16.97
CA ASN A 63 -9.08 -4.18 15.86
C ASN A 63 -9.97 -3.36 14.95
N ARG A 64 -10.42 -3.97 13.86
CA ARG A 64 -11.25 -3.29 12.88
C ARG A 64 -12.63 -2.91 13.42
N VAL A 65 -13.22 -3.73 14.27
CA VAL A 65 -14.56 -3.44 14.78
C VAL A 65 -14.61 -2.07 15.50
N GLU A 66 -13.60 -1.82 16.33
CA GLU A 66 -13.47 -0.59 17.11
C GLU A 66 -13.12 0.62 16.24
N PHE A 67 -12.24 0.42 15.25
CA PHE A 67 -11.97 1.48 14.28
C PHE A 67 -13.30 1.83 13.57
N ASP A 68 -13.97 0.82 13.01
CA ASP A 68 -15.30 1.04 12.37
C ASP A 68 -16.32 1.75 13.27
N SER A 69 -16.34 1.41 14.56
CA SER A 69 -17.27 2.04 15.49
C SER A 69 -17.01 3.56 15.61
N ALA A 70 -15.74 3.95 15.66
CA ALA A 70 -15.40 5.37 15.66
C ALA A 70 -15.89 6.04 14.39
N ILE A 71 -15.70 5.39 13.24
CA ILE A 71 -16.30 5.90 12.02
C ILE A 71 -17.82 6.03 12.17
N ASP A 72 -18.46 4.93 12.57
CA ASP A 72 -19.91 4.91 12.67
C ASP A 72 -20.43 6.01 13.59
N LEU A 73 -19.73 6.28 14.71
CA LEU A 73 -20.11 7.37 15.63
C LEU A 73 -20.19 8.72 14.90
N VAL A 74 -19.19 9.02 14.07
CA VAL A 74 -19.20 10.24 13.27
C VAL A 74 -20.34 10.28 12.23
N LEU A 75 -20.62 9.14 11.62
CA LEU A 75 -21.70 9.02 10.64
C LEU A 75 -23.06 9.33 11.26
N GLU A 76 -23.24 8.88 12.51
CA GLU A 76 -24.46 9.19 13.27
C GLU A 76 -24.49 10.67 13.67
N GLU A 77 -23.38 11.18 14.21
CA GLU A 77 -23.21 12.59 14.53
C GLU A 77 -23.68 13.43 13.33
N PHE A 78 -23.37 12.96 12.11
CA PHE A 78 -23.73 13.70 10.89
C PHE A 78 -25.03 13.28 10.20
N SER A 79 -25.78 12.38 10.83
CA SER A 79 -27.04 11.86 10.30
C SER A 79 -26.93 11.43 8.83
N ILE A 80 -25.93 10.59 8.56
CA ILE A 80 -25.59 10.15 7.19
C ILE A 80 -26.51 9.06 6.64
N ASP A 81 -26.92 9.22 5.38
CA ASP A 81 -27.77 8.25 4.69
C ASP A 81 -26.96 7.27 3.85
N ILE A 82 -25.94 7.79 3.19
CA ILE A 82 -25.14 7.02 2.25
C ILE A 82 -23.66 7.30 2.45
N VAL A 83 -22.85 6.23 2.42
CA VAL A 83 -21.40 6.31 2.54
C VAL A 83 -20.80 5.90 1.20
N CYS A 84 -19.86 6.72 0.70
CA CYS A 84 -19.11 6.43 -0.51
C CYS A 84 -17.66 6.19 -0.13
N LEU A 85 -17.10 5.07 -0.60
CA LEU A 85 -15.68 4.78 -0.41
C LEU A 85 -14.96 5.23 -1.66
N ALA A 86 -14.10 6.23 -1.52
CA ALA A 86 -13.44 6.82 -2.67
C ALA A 86 -11.95 6.82 -2.43
N GLY A 87 -11.30 5.71 -2.80
CA GLY A 87 -9.90 5.49 -2.54
C GLY A 87 -9.65 5.19 -1.07
N PHE A 88 -10.68 4.74 -0.36
CA PHE A 88 -10.53 4.27 1.01
C PHE A 88 -9.91 2.87 1.03
N MET A 89 -8.89 2.69 1.89
CA MET A 89 -7.99 1.53 1.81
C MET A 89 -8.10 0.59 2.99
N ARG A 90 -9.10 0.75 3.84
CA ARG A 90 -9.28 -0.18 4.96
C ARG A 90 -10.47 -1.08 4.70
N ILE A 91 -10.23 -2.38 4.80
CA ILE A 91 -11.33 -3.34 4.75
C ILE A 91 -12.18 -3.21 6.02
N LEU A 92 -13.49 -3.04 5.83
CA LEU A 92 -14.40 -2.86 6.96
C LEU A 92 -14.96 -4.17 7.49
N SER A 93 -15.20 -4.23 8.81
CA SER A 93 -15.69 -5.44 9.47
C SER A 93 -17.14 -5.76 9.10
N GLY A 94 -17.52 -7.01 9.36
CA GLY A 94 -18.88 -7.51 9.16
C GLY A 94 -20.02 -6.65 9.66
N PRO A 95 -20.05 -6.33 10.95
CA PRO A 95 -21.14 -5.50 11.51
C PRO A 95 -21.28 -4.11 10.86
N PHE A 96 -20.18 -3.40 10.64
CA PHE A 96 -20.28 -2.12 9.96
C PHE A 96 -20.92 -2.28 8.57
N VAL A 97 -20.38 -3.21 7.78
CA VAL A 97 -20.88 -3.52 6.44
C VAL A 97 -22.36 -3.94 6.47
N GLN A 98 -22.73 -4.77 7.43
CA GLN A 98 -24.12 -5.18 7.63
C GLN A 98 -24.99 -3.96 7.93
N LYS A 99 -24.53 -3.09 8.83
CA LYS A 99 -25.32 -1.91 9.20
C LYS A 99 -25.61 -1.01 7.98
N TRP A 100 -24.61 -0.82 7.14
CA TRP A 100 -24.71 0.08 5.97
C TRP A 100 -25.14 -0.59 4.66
N ASN A 101 -25.59 -1.84 4.75
CA ASN A 101 -26.00 -2.63 3.59
C ASN A 101 -27.00 -1.90 2.69
N GLY A 102 -26.66 -1.77 1.41
CA GLY A 102 -27.51 -1.03 0.48
C GLY A 102 -27.40 0.50 0.57
N LYS A 103 -26.49 0.99 1.42
CA LYS A 103 -26.28 2.45 1.57
C LYS A 103 -24.80 2.83 1.47
N MET A 104 -23.95 1.85 1.11
CA MET A 104 -22.53 2.09 1.00
C MET A 104 -22.00 1.64 -0.36
N LEU A 105 -21.39 2.59 -1.08
CA LEU A 105 -20.83 2.36 -2.41
C LEU A 105 -19.31 2.48 -2.42
N ASN A 106 -18.68 1.76 -3.34
CA ASN A 106 -17.21 1.80 -3.52
C ASN A 106 -16.91 1.95 -5.00
N ILE A 107 -15.80 2.61 -5.30
CA ILE A 107 -15.32 2.71 -6.67
C ILE A 107 -14.10 1.79 -6.78
N HIS A 108 -14.13 0.85 -7.72
CA HIS A 108 -12.98 -0.02 -7.94
C HIS A 108 -12.42 0.08 -9.37
N PRO A 109 -11.10 0.27 -9.54
CA PRO A 109 -10.51 0.48 -10.87
C PRO A 109 -10.28 -0.77 -11.74
N SER A 110 -11.30 -1.62 -11.85
CA SER A 110 -11.31 -2.70 -12.85
C SER A 110 -12.76 -3.02 -13.17
N LEU A 111 -12.97 -3.83 -14.21
CA LEU A 111 -14.27 -4.44 -14.49
C LEU A 111 -14.40 -5.70 -13.65
N LEU A 112 -14.97 -5.57 -12.46
CA LEU A 112 -15.21 -6.74 -11.61
C LEU A 112 -16.08 -7.71 -12.40
N PRO A 113 -15.94 -9.02 -12.19
CA PRO A 113 -15.09 -9.65 -11.15
C PRO A 113 -13.58 -9.82 -11.43
N SER A 114 -13.08 -9.34 -12.56
CA SER A 114 -11.62 -9.37 -12.79
C SER A 114 -10.89 -8.39 -11.87
N PHE A 115 -9.71 -8.80 -11.42
CA PHE A 115 -8.78 -7.91 -10.74
C PHE A 115 -9.35 -7.25 -9.48
N LYS A 116 -9.86 -8.09 -8.58
CA LYS A 116 -10.19 -7.70 -7.21
C LYS A 116 -8.88 -7.30 -6.53
N GLY A 117 -8.96 -6.47 -5.48
CA GLY A 117 -7.76 -6.03 -4.79
C GLY A 117 -7.34 -4.62 -5.16
N SER A 118 -6.45 -4.05 -4.35
CA SER A 118 -6.05 -2.65 -4.49
C SER A 118 -5.00 -2.37 -5.57
N ASN A 119 -4.49 -3.42 -6.22
CA ASN A 119 -3.50 -3.26 -7.29
C ASN A 119 -4.06 -3.76 -8.62
N ALA A 120 -5.28 -3.34 -8.94
CA ALA A 120 -5.94 -3.84 -10.12
C ALA A 120 -5.16 -3.55 -11.42
N HIS A 121 -4.55 -2.36 -11.51
CA HIS A 121 -3.83 -1.97 -12.73
C HIS A 121 -2.60 -2.85 -12.94
N GLU A 122 -1.92 -3.13 -11.83
CA GLU A 122 -0.77 -4.04 -11.84
C GLU A 122 -1.21 -5.45 -12.30
N GLN A 123 -2.35 -5.92 -11.81
CA GLN A 123 -2.90 -7.18 -12.33
C GLN A 123 -3.27 -7.08 -13.80
N ALA A 124 -3.90 -5.97 -14.20
CA ALA A 124 -4.32 -5.78 -15.60
C ALA A 124 -3.11 -5.79 -16.55
N LEU A 125 -2.05 -5.10 -16.14
CA LEU A 125 -0.83 -5.09 -16.96
C LEU A 125 -0.17 -6.46 -17.08
N GLU A 126 -0.04 -7.18 -15.96
CA GLU A 126 0.59 -8.51 -15.96
C GLU A 126 -0.18 -9.49 -16.86
N THR A 127 -1.50 -9.38 -16.82
CA THR A 127 -2.42 -10.29 -17.47
C THR A 127 -2.48 -10.08 -18.98
N GLY A 128 -2.19 -8.86 -19.42
CA GLY A 128 -2.16 -8.55 -20.84
C GLY A 128 -3.52 -8.25 -21.45
N VAL A 129 -4.51 -7.91 -20.63
CA VAL A 129 -5.78 -7.44 -21.16
C VAL A 129 -5.57 -6.17 -22.01
N THR A 130 -6.42 -6.00 -23.04
CA THR A 130 -6.40 -4.76 -23.81
C THR A 130 -7.54 -3.88 -23.39
N VAL A 131 -8.48 -4.44 -22.63
CA VAL A 131 -9.62 -3.68 -22.11
C VAL A 131 -9.71 -3.89 -20.60
N THR A 132 -9.67 -2.80 -19.85
CA THR A 132 -9.94 -2.86 -18.43
C THR A 132 -11.07 -1.84 -18.21
N GLY A 133 -11.23 -1.33 -17.00
CA GLY A 133 -12.30 -0.38 -16.76
C GLY A 133 -12.45 -0.10 -15.30
N CYS A 134 -13.63 0.42 -14.92
CA CYS A 134 -13.94 0.65 -13.52
C CYS A 134 -15.38 0.24 -13.19
N THR A 135 -15.63 0.04 -11.88
CA THR A 135 -16.88 -0.47 -11.35
C THR A 135 -17.32 0.27 -10.07
N VAL A 136 -18.59 0.66 -10.01
CA VAL A 136 -19.17 1.11 -8.76
C VAL A 136 -20.01 -0.02 -8.25
N HIS A 137 -19.76 -0.45 -7.02
CA HIS A 137 -20.57 -1.53 -6.48
C HIS A 137 -21.01 -1.23 -5.07
N PHE A 138 -22.13 -1.83 -4.67
CA PHE A 138 -22.49 -1.86 -3.26
C PHE A 138 -21.42 -2.64 -2.50
N VAL A 139 -21.13 -2.20 -1.28
CA VAL A 139 -20.11 -2.86 -0.47
C VAL A 139 -20.69 -4.02 0.32
N ALA A 140 -20.09 -5.19 0.11
CA ALA A 140 -20.46 -6.39 0.84
C ALA A 140 -19.25 -6.80 1.67
N GLU A 141 -19.44 -7.77 2.53
CA GLU A 141 -18.37 -8.26 3.38
C GLU A 141 -17.19 -8.75 2.57
N ASP A 142 -17.45 -9.60 1.58
CA ASP A 142 -16.42 -10.04 0.65
C ASP A 142 -15.89 -8.85 -0.14
N VAL A 143 -14.58 -8.67 -0.09
CA VAL A 143 -13.93 -7.54 -0.73
C VAL A 143 -14.18 -7.51 -2.24
N ASP A 144 -14.54 -6.33 -2.74
CA ASP A 144 -14.73 -6.09 -4.18
C ASP A 144 -15.68 -7.09 -4.80
N ALA A 145 -16.72 -7.48 -4.05
CA ALA A 145 -17.59 -8.57 -4.44
C ALA A 145 -19.07 -8.28 -4.21
N GLY A 146 -19.41 -7.05 -3.82
CA GLY A 146 -20.80 -6.66 -3.72
C GLY A 146 -21.45 -6.41 -5.08
N GLN A 147 -22.75 -6.13 -5.04
CA GLN A 147 -23.55 -6.03 -6.25
C GLN A 147 -23.17 -4.84 -7.12
N ILE A 148 -23.07 -5.08 -8.42
CA ILE A 148 -22.55 -4.07 -9.33
C ILE A 148 -23.64 -3.06 -9.72
N ILE A 149 -23.33 -1.77 -9.59
CA ILE A 149 -24.23 -0.70 -10.03
C ILE A 149 -23.92 -0.23 -11.46
N LEU A 150 -22.75 0.37 -11.66
CA LEU A 150 -22.31 0.82 -13.00
C LEU A 150 -20.89 0.34 -13.31
N GLN A 151 -20.59 0.20 -14.60
CA GLN A 151 -19.23 -0.08 -15.05
C GLN A 151 -18.96 0.72 -16.32
N GLU A 152 -17.68 0.98 -16.57
CA GLU A 152 -17.23 1.58 -17.82
C GLU A 152 -15.87 0.99 -18.22
N ALA A 153 -15.82 0.54 -19.46
CA ALA A 153 -14.65 -0.03 -20.11
C ALA A 153 -13.68 1.10 -20.49
N VAL A 154 -12.40 0.83 -20.30
CA VAL A 154 -11.32 1.75 -20.66
C VAL A 154 -10.26 0.90 -21.36
N PRO A 155 -9.81 1.36 -22.54
CA PRO A 155 -8.78 0.60 -23.25
C PRO A 155 -7.46 0.63 -22.49
N VAL A 156 -6.66 -0.40 -22.69
CA VAL A 156 -5.25 -0.40 -22.29
C VAL A 156 -4.40 -0.13 -23.55
N LYS A 157 -3.50 0.85 -23.45
CA LYS A 157 -2.58 1.14 -24.55
C LYS A 157 -1.27 0.36 -24.42
N ARG A 158 -0.79 -0.16 -25.54
CA ARG A 158 0.52 -0.79 -25.56
C ARG A 158 1.55 0.22 -25.01
N GLY A 159 2.36 -0.21 -24.05
CA GLY A 159 3.31 0.67 -23.40
C GLY A 159 2.82 1.46 -22.19
N ASP A 160 1.52 1.33 -21.86
CA ASP A 160 0.99 1.84 -20.59
C ASP A 160 1.85 1.46 -19.38
N THR A 161 2.00 2.39 -18.44
CA THR A 161 2.50 2.07 -17.12
C THR A 161 1.31 2.02 -16.16
N VAL A 162 1.55 1.66 -14.90
CA VAL A 162 0.53 1.75 -13.89
C VAL A 162 -0.04 3.16 -13.82
N ALA A 163 0.84 4.16 -13.91
CA ALA A 163 0.45 5.56 -13.90
C ALA A 163 -0.39 6.01 -15.13
N THR A 164 0.01 5.66 -16.34
CA THR A 164 -0.80 6.13 -17.47
C THR A 164 -2.15 5.43 -17.51
N LEU A 165 -2.17 4.13 -17.21
CA LEU A 165 -3.42 3.40 -17.20
C LEU A 165 -4.32 3.89 -16.05
N SER A 166 -3.71 4.12 -14.90
CA SER A 166 -4.41 4.66 -13.74
C SER A 166 -5.12 5.97 -14.06
N GLU A 167 -4.42 6.87 -14.78
CA GLU A 167 -5.00 8.17 -15.15
C GLU A 167 -6.19 8.06 -16.08
N ARG A 168 -6.10 7.16 -17.08
CA ARG A 168 -7.16 6.97 -18.05
C ARG A 168 -8.42 6.39 -17.39
N VAL A 169 -8.23 5.44 -16.49
CA VAL A 169 -9.35 4.84 -15.74
C VAL A 169 -9.98 5.86 -14.76
N LYS A 170 -9.16 6.72 -14.14
CA LYS A 170 -9.67 7.76 -13.26
C LYS A 170 -10.70 8.68 -13.95
N LEU A 171 -10.46 9.05 -15.20
CA LEU A 171 -11.41 9.84 -15.99
C LEU A 171 -12.77 9.15 -16.11
N ALA A 172 -12.77 7.82 -16.25
CA ALA A 172 -14.03 7.06 -16.25
C ALA A 172 -14.66 6.99 -14.85
N GLU A 173 -13.83 6.78 -13.83
CA GLU A 173 -14.28 6.76 -12.44
C GLU A 173 -15.08 8.02 -12.09
N HIS A 174 -14.56 9.17 -12.49
CA HIS A 174 -15.11 10.47 -12.19
C HIS A 174 -16.47 10.68 -12.88
N LYS A 175 -16.74 9.89 -13.92
CA LYS A 175 -18.06 9.83 -14.56
C LYS A 175 -19.03 8.87 -13.81
N ILE A 176 -18.67 7.60 -13.69
CA ILE A 176 -19.63 6.63 -13.14
C ILE A 176 -19.91 6.71 -11.63
N PHE A 177 -18.95 7.16 -10.83
CA PHE A 177 -19.18 7.23 -9.38
C PHE A 177 -20.23 8.30 -9.02
N PRO A 178 -20.12 9.54 -9.51
CA PRO A 178 -21.21 10.50 -9.35
C PRO A 178 -22.55 9.99 -9.91
N ALA A 179 -22.53 9.38 -11.08
CA ALA A 179 -23.78 8.94 -11.68
C ALA A 179 -24.41 7.88 -10.78
N ALA A 180 -23.57 6.99 -10.24
CA ALA A 180 -24.04 5.90 -9.37
C ALA A 180 -24.50 6.43 -8.04
N LEU A 181 -23.82 7.46 -7.53
CA LEU A 181 -24.28 8.08 -6.31
C LEU A 181 -25.69 8.67 -6.50
N GLN A 182 -25.91 9.42 -7.59
CA GLN A 182 -27.23 9.98 -7.91
C GLN A 182 -28.32 8.93 -8.01
N LEU A 183 -28.01 7.82 -8.66
CA LEU A 183 -28.95 6.72 -8.83
C LEU A 183 -29.40 6.18 -7.47
N VAL A 184 -28.46 6.01 -6.54
CA VAL A 184 -28.78 5.46 -5.22
C VAL A 184 -29.47 6.50 -4.32
N ALA A 185 -28.94 7.71 -4.29
CA ALA A 185 -29.55 8.80 -3.54
C ALA A 185 -30.96 9.17 -3.98
N SER A 186 -31.30 8.92 -5.24
CA SER A 186 -32.65 9.21 -5.72
C SER A 186 -33.62 8.04 -5.50
N GLY A 187 -33.09 6.92 -5.04
CA GLY A 187 -33.87 5.70 -4.92
C GLY A 187 -34.15 5.02 -6.24
N THR A 188 -33.44 5.43 -7.30
CA THR A 188 -33.62 4.83 -8.61
C THR A 188 -33.02 3.42 -8.63
N VAL A 189 -31.91 3.26 -7.91
CA VAL A 189 -31.22 1.99 -7.80
C VAL A 189 -31.19 1.64 -6.32
N GLN A 190 -31.64 0.43 -6.01
CA GLN A 190 -31.68 -0.05 -4.63
C GLN A 190 -31.08 -1.44 -4.54
N LEU A 191 -30.58 -1.80 -3.36
CA LEU A 191 -30.28 -3.19 -3.06
C LEU A 191 -31.55 -3.88 -2.59
N GLY A 192 -32.03 -4.85 -3.37
CA GLY A 192 -33.25 -5.56 -3.03
C GLY A 192 -33.06 -6.53 -1.87
N GLU A 193 -34.14 -6.80 -1.15
CA GLU A 193 -34.12 -7.71 0.00
C GLU A 193 -33.39 -9.03 -0.30
N ASN A 194 -33.69 -9.62 -1.46
CA ASN A 194 -33.02 -10.83 -1.93
C ASN A 194 -31.51 -10.68 -2.22
N GLY A 195 -30.94 -9.52 -1.88
CA GLY A 195 -29.52 -9.27 -2.10
C GLY A 195 -29.16 -9.01 -3.54
N LYS A 196 -30.14 -8.58 -4.33
CA LYS A 196 -29.92 -8.34 -5.76
C LYS A 196 -30.26 -6.89 -6.11
N ILE A 197 -29.53 -6.33 -7.07
CA ILE A 197 -29.77 -4.96 -7.51
C ILE A 197 -31.14 -4.86 -8.17
N CYS A 198 -31.87 -3.78 -7.88
CA CYS A 198 -33.11 -3.53 -8.58
C CYS A 198 -33.20 -2.07 -9.00
N TRP A 199 -33.70 -1.84 -10.21
CA TRP A 199 -33.92 -0.49 -10.72
C TRP A 199 -35.41 -0.17 -10.65
N VAL A 200 -35.71 1.03 -10.14
CA VAL A 200 -37.10 1.50 -10.02
C VAL A 200 -37.43 2.43 -11.19
N ALA B 1 19.70 4.80 16.84
CA ALA B 1 20.43 4.34 15.62
C ALA B 1 20.04 5.15 14.37
N ARG B 2 21.06 5.63 13.67
CA ARG B 2 20.85 6.34 12.43
C ARG B 2 20.78 5.32 11.29
N VAL B 3 19.71 5.36 10.51
CA VAL B 3 19.45 4.31 9.52
C VAL B 3 19.48 4.86 8.10
N ALA B 4 20.10 4.10 7.19
CA ALA B 4 20.03 4.36 5.76
C ALA B 4 19.19 3.30 5.08
N VAL B 5 18.39 3.73 4.11
CA VAL B 5 17.60 2.80 3.30
C VAL B 5 18.08 2.84 1.86
N LEU B 6 18.46 1.66 1.36
CA LEU B 6 18.95 1.54 -0.01
C LEU B 6 17.83 0.95 -0.82
N ILE B 7 17.52 1.58 -1.94
CA ILE B 7 16.43 1.16 -2.82
C ILE B 7 16.92 1.09 -4.28
N SER B 8 16.17 0.40 -5.14
CA SER B 8 16.42 0.41 -6.58
C SER B 8 15.16 0.75 -7.39
N GLY B 9 14.02 0.87 -6.71
CA GLY B 9 12.74 1.03 -7.37
C GLY B 9 11.71 1.82 -6.58
N THR B 10 10.56 1.20 -6.27
CA THR B 10 9.45 1.95 -5.67
C THR B 10 9.61 2.23 -4.17
N GLY B 11 10.66 1.68 -3.56
CA GLY B 11 10.89 1.83 -2.14
C GLY B 11 9.78 1.17 -1.33
N SER B 12 9.41 -0.04 -1.72
CA SER B 12 8.49 -0.88 -0.95
C SER B 12 8.95 -0.95 0.49
N ASN B 13 8.01 -0.77 1.43
CA ASN B 13 8.27 -0.79 2.86
C ASN B 13 8.96 0.46 3.43
N LEU B 14 9.43 1.36 2.57
CA LEU B 14 10.02 2.60 3.03
C LEU B 14 9.07 3.42 3.89
N GLN B 15 7.83 3.58 3.44
CA GLN B 15 6.88 4.30 4.27
C GLN B 15 6.63 3.58 5.60
N ALA B 16 6.54 2.25 5.56
CA ALA B 16 6.35 1.46 6.77
C ALA B 16 7.53 1.65 7.71
N LEU B 17 8.75 1.66 7.18
CA LEU B 17 9.94 1.94 7.99
C LEU B 17 9.90 3.37 8.56
N ILE B 18 9.57 4.35 7.72
CA ILE B 18 9.47 5.75 8.17
C ILE B 18 8.49 5.92 9.34
N ASP B 19 7.24 5.49 9.15
CA ASP B 19 6.19 5.62 10.16
C ASP B 19 6.63 4.94 11.46
N SER B 20 7.20 3.75 11.34
CA SER B 20 7.74 3.06 12.50
C SER B 20 8.75 3.91 13.26
N THR B 21 9.79 4.39 12.58
CA THR B 21 10.81 5.22 13.25
C THR B 21 10.27 6.50 13.87
N ARG B 22 9.10 6.95 13.44
CA ARG B 22 8.58 8.21 13.96
C ARG B 22 7.60 8.03 15.13
N GLU B 23 7.48 6.78 15.61
CA GLU B 23 6.68 6.46 16.78
C GLU B 23 7.45 6.84 18.06
N PRO B 24 6.76 7.02 19.18
CA PRO B 24 7.38 7.50 20.43
C PRO B 24 8.48 6.58 21.03
N ASN B 25 8.32 5.27 20.94
CA ASN B 25 9.28 4.33 21.53
C ASN B 25 10.43 3.95 20.58
N SER B 26 10.57 4.69 19.48
CA SER B 26 11.46 4.29 18.40
C SER B 26 12.94 4.34 18.78
N SER B 27 13.69 3.33 18.36
CA SER B 27 15.13 3.29 18.61
C SER B 27 15.92 3.69 17.37
N ALA B 28 15.20 4.00 16.28
CA ALA B 28 15.80 4.32 14.98
C ALA B 28 15.23 5.58 14.32
N GLN B 29 16.00 6.17 13.40
CA GLN B 29 15.54 7.27 12.56
C GLN B 29 16.08 7.07 11.16
N ILE B 30 15.25 7.27 10.13
CA ILE B 30 15.74 7.24 8.76
C ILE B 30 16.40 8.59 8.41
N ASP B 31 17.71 8.57 8.18
CA ASP B 31 18.43 9.80 7.91
C ASP B 31 18.77 9.98 6.44
N ILE B 32 18.67 8.89 5.67
CA ILE B 32 18.99 8.98 4.25
C ILE B 32 18.46 7.81 3.46
N VAL B 33 18.06 8.10 2.23
CA VAL B 33 17.66 7.08 1.26
C VAL B 33 18.58 7.17 0.05
N ILE B 34 19.15 6.03 -0.33
CA ILE B 34 20.09 5.96 -1.42
C ILE B 34 19.50 5.04 -2.50
N SER B 35 19.38 5.55 -3.73
CA SER B 35 19.02 4.73 -4.86
C SER B 35 20.19 4.60 -5.85
N ASN B 36 20.29 3.45 -6.50
CA ASN B 36 21.28 3.25 -7.55
C ASN B 36 20.69 3.53 -8.93
N LYS B 37 19.42 3.92 -8.93
CA LYS B 37 18.70 4.21 -10.15
C LYS B 37 18.03 5.57 -9.98
N ALA B 38 18.22 6.45 -10.95
CA ALA B 38 17.65 7.79 -10.88
C ALA B 38 16.17 7.74 -11.20
N ALA B 39 15.44 8.72 -10.66
CA ALA B 39 14.06 9.01 -11.01
C ALA B 39 13.05 7.93 -10.62
N VAL B 40 13.42 7.07 -9.67
CA VAL B 40 12.49 6.04 -9.20
C VAL B 40 11.57 6.56 -8.07
N ALA B 41 10.43 5.89 -7.89
CA ALA B 41 9.36 6.42 -7.03
C ALA B 41 9.70 6.40 -5.55
N GLY B 42 10.62 5.54 -5.14
CA GLY B 42 11.03 5.45 -3.75
C GLY B 42 11.73 6.72 -3.30
N LEU B 43 12.44 7.36 -4.25
CA LEU B 43 13.07 8.66 -4.04
C LEU B 43 12.03 9.73 -3.74
N ASP B 44 10.90 9.70 -4.46
CA ASP B 44 9.82 10.64 -4.18
C ASP B 44 9.18 10.35 -2.82
N LYS B 45 9.13 9.08 -2.43
CA LYS B 45 8.64 8.71 -1.10
C LYS B 45 9.52 9.39 -0.04
N ALA B 46 10.83 9.19 -0.18
CA ALA B 46 11.81 9.78 0.72
C ALA B 46 11.66 11.30 0.77
N GLU B 47 11.63 11.94 -0.41
CA GLU B 47 11.52 13.40 -0.51
C GLU B 47 10.23 13.95 0.12
N ARG B 48 9.12 13.24 -0.05
CA ARG B 48 7.83 13.61 0.57
C ARG B 48 7.93 13.56 2.11
N ALA B 49 8.72 12.60 2.60
CA ALA B 49 8.98 12.44 4.03
C ALA B 49 10.00 13.44 4.59
N GLY B 50 10.60 14.26 3.73
CA GLY B 50 11.63 15.19 4.15
C GLY B 50 12.93 14.51 4.55
N ILE B 51 13.25 13.41 3.88
CA ILE B 51 14.48 12.69 4.13
C ILE B 51 15.45 12.89 2.96
N PRO B 52 16.67 13.34 3.26
CA PRO B 52 17.73 13.46 2.24
C PRO B 52 17.87 12.22 1.35
N THR B 53 18.18 12.44 0.07
CA THR B 53 18.41 11.36 -0.89
C THR B 53 19.73 11.57 -1.63
N ARG B 54 20.28 10.46 -2.14
CA ARG B 54 21.41 10.48 -3.05
C ARG B 54 21.15 9.45 -4.12
N VAL B 55 21.67 9.71 -5.30
CA VAL B 55 21.64 8.74 -6.39
C VAL B 55 23.07 8.38 -6.77
N ILE B 56 23.40 7.11 -6.61
CA ILE B 56 24.73 6.60 -6.99
C ILE B 56 24.51 5.51 -8.03
N ASN B 57 24.70 5.88 -9.29
CA ASN B 57 24.46 5.00 -10.43
C ASN B 57 25.52 3.92 -10.49
N HIS B 58 25.13 2.67 -10.32
CA HIS B 58 26.08 1.56 -10.32
C HIS B 58 26.72 1.33 -11.69
N LYS B 59 26.09 1.85 -12.74
CA LYS B 59 26.61 1.70 -14.10
C LYS B 59 27.82 2.58 -14.38
N LEU B 60 28.05 3.58 -13.53
CA LEU B 60 29.19 4.49 -13.66
C LEU B 60 30.49 3.89 -13.12
N TYR B 61 30.40 2.75 -12.44
CA TYR B 61 31.56 2.14 -11.77
C TYR B 61 32.03 0.86 -12.47
N LYS B 62 33.34 0.65 -12.45
CA LYS B 62 34.00 -0.45 -13.15
C LYS B 62 33.73 -1.81 -12.51
N ASN B 63 33.56 -1.83 -11.18
CA ASN B 63 33.21 -3.04 -10.43
C ASN B 63 32.34 -2.75 -9.21
N ARG B 64 31.78 -3.82 -8.61
CA ARG B 64 30.95 -3.72 -7.41
C ARG B 64 31.68 -3.04 -6.24
N VAL B 65 32.97 -3.36 -6.07
CA VAL B 65 33.76 -2.87 -4.94
C VAL B 65 33.84 -1.33 -4.91
N GLU B 66 34.06 -0.71 -6.07
CA GLU B 66 34.15 0.75 -6.13
C GLU B 66 32.78 1.42 -5.98
N PHE B 67 31.75 0.77 -6.52
CA PHE B 67 30.36 1.19 -6.31
C PHE B 67 29.97 1.17 -4.82
N ASP B 68 30.19 0.04 -4.13
CA ASP B 68 29.92 -0.05 -2.69
C ASP B 68 30.73 0.95 -1.88
N SER B 69 31.98 1.19 -2.32
CA SER B 69 32.85 2.17 -1.67
C SER B 69 32.26 3.58 -1.79
N ALA B 70 31.62 3.85 -2.93
CA ALA B 70 30.90 5.11 -3.10
C ALA B 70 29.69 5.18 -2.14
N ILE B 71 28.96 4.07 -1.97
CA ILE B 71 27.84 4.00 -1.01
C ILE B 71 28.36 4.23 0.40
N ASP B 72 29.41 3.51 0.73
CA ASP B 72 30.01 3.59 2.05
C ASP B 72 30.48 5.02 2.39
N LEU B 73 31.03 5.72 1.40
CA LEU B 73 31.44 7.12 1.58
C LEU B 73 30.28 7.94 2.12
N VAL B 74 29.12 7.76 1.49
CA VAL B 74 27.91 8.51 1.85
C VAL B 74 27.41 8.06 3.22
N LEU B 75 27.43 6.75 3.47
CA LEU B 75 27.05 6.20 4.78
C LEU B 75 27.89 6.79 5.94
N GLU B 76 29.20 6.93 5.74
CA GLU B 76 30.07 7.54 6.77
C GLU B 76 29.81 9.03 6.92
N GLU B 77 29.49 9.70 5.81
CA GLU B 77 29.16 11.12 5.79
C GLU B 77 27.93 11.39 6.68
N PHE B 78 26.96 10.48 6.59
CA PHE B 78 25.74 10.56 7.39
C PHE B 78 25.84 9.88 8.76
N SER B 79 27.04 9.42 9.15
CA SER B 79 27.23 8.68 10.40
C SER B 79 26.15 7.57 10.62
N ILE B 80 26.00 6.71 9.62
CA ILE B 80 24.96 5.66 9.64
C ILE B 80 25.33 4.46 10.53
N ASP B 81 24.38 4.02 11.36
CA ASP B 81 24.59 2.83 12.21
C ASP B 81 24.06 1.56 11.58
N ILE B 82 22.92 1.67 10.91
CA ILE B 82 22.23 0.51 10.34
C ILE B 82 21.80 0.77 8.89
N VAL B 83 21.99 -0.24 8.05
CA VAL B 83 21.50 -0.19 6.68
C VAL B 83 20.33 -1.15 6.49
N CYS B 84 19.27 -0.65 5.84
CA CYS B 84 18.14 -1.49 5.45
C CYS B 84 18.06 -1.51 3.93
N LEU B 85 17.98 -2.70 3.36
CA LEU B 85 17.74 -2.86 1.92
C LEU B 85 16.24 -3.03 1.71
N ALA B 86 15.63 -2.12 0.95
CA ALA B 86 14.20 -2.17 0.60
C ALA B 86 14.01 -2.18 -0.93
N GLY B 87 13.99 -3.39 -1.52
CA GLY B 87 13.95 -3.54 -2.96
C GLY B 87 15.24 -3.06 -3.65
N PHE B 88 16.35 -3.04 -2.91
CA PHE B 88 17.69 -2.78 -3.48
C PHE B 88 18.11 -4.02 -4.25
N MET B 89 18.57 -3.85 -5.49
CA MET B 89 18.70 -4.99 -6.39
C MET B 89 20.14 -5.31 -6.85
N ARG B 90 21.11 -4.71 -6.17
CA ARG B 90 22.53 -4.94 -6.44
C ARG B 90 23.12 -5.86 -5.39
N ILE B 91 23.72 -6.97 -5.82
CA ILE B 91 24.46 -7.84 -4.90
C ILE B 91 25.69 -7.07 -4.42
N LEU B 92 25.86 -6.98 -3.11
CA LEU B 92 26.98 -6.23 -2.53
C LEU B 92 28.22 -7.10 -2.41
N SER B 93 29.40 -6.45 -2.51
CA SER B 93 30.69 -7.14 -2.47
C SER B 93 31.06 -7.56 -1.06
N GLY B 94 32.01 -8.49 -0.98
CA GLY B 94 32.50 -9.07 0.27
C GLY B 94 32.86 -8.11 1.39
N PRO B 95 33.77 -7.16 1.15
CA PRO B 95 34.21 -6.22 2.20
C PRO B 95 33.14 -5.21 2.67
N PHE B 96 32.29 -4.74 1.77
CA PHE B 96 31.17 -3.92 2.20
C PHE B 96 30.26 -4.75 3.15
N VAL B 97 29.88 -5.94 2.70
CA VAL B 97 29.08 -6.87 3.54
C VAL B 97 29.77 -7.17 4.88
N GLN B 98 31.08 -7.38 4.83
CA GLN B 98 31.90 -7.64 6.01
C GLN B 98 31.90 -6.44 6.99
N LYS B 99 32.12 -5.24 6.47
CA LYS B 99 32.15 -4.04 7.31
C LYS B 99 30.80 -3.85 8.02
N TRP B 100 29.72 -4.10 7.29
CA TRP B 100 28.36 -3.83 7.77
C TRP B 100 27.70 -5.02 8.47
N ASN B 101 28.52 -6.04 8.78
CA ASN B 101 28.09 -7.30 9.40
C ASN B 101 27.41 -7.12 10.76
N GLY B 102 26.18 -7.62 10.85
CA GLY B 102 25.36 -7.37 12.03
C GLY B 102 24.63 -6.03 12.02
N LYS B 103 24.76 -5.26 10.94
CA LYS B 103 24.18 -3.92 10.90
C LYS B 103 23.41 -3.64 9.62
N MET B 104 23.25 -4.68 8.79
CA MET B 104 22.55 -4.49 7.54
C MET B 104 21.44 -5.53 7.40
N LEU B 105 20.22 -5.06 7.18
CA LEU B 105 19.07 -5.96 7.00
C LEU B 105 18.50 -5.95 5.59
N ASN B 106 17.92 -7.08 5.20
CA ASN B 106 17.22 -7.21 3.93
C ASN B 106 15.84 -7.84 4.15
N ILE B 107 14.87 -7.45 3.32
CA ILE B 107 13.57 -8.10 3.26
C ILE B 107 13.49 -8.93 1.96
N HIS B 108 13.07 -10.18 2.10
CA HIS B 108 12.95 -11.10 0.98
C HIS B 108 11.53 -11.71 0.98
N PRO B 109 10.86 -11.69 -0.19
CA PRO B 109 9.45 -12.12 -0.28
C PRO B 109 9.25 -13.63 -0.39
N SER B 110 9.92 -14.39 0.48
CA SER B 110 9.65 -15.81 0.67
C SER B 110 10.03 -16.19 2.10
N LEU B 111 9.66 -17.42 2.47
CA LEU B 111 10.10 -18.02 3.73
C LEU B 111 11.40 -18.76 3.47
N LEU B 112 12.51 -18.06 3.61
CA LEU B 112 13.84 -18.63 3.46
C LEU B 112 13.97 -19.81 4.41
N PRO B 113 14.70 -20.87 4.04
CA PRO B 113 15.56 -20.94 2.83
C PRO B 113 14.85 -21.27 1.48
N SER B 114 13.53 -21.38 1.43
CA SER B 114 12.82 -21.52 0.13
C SER B 114 12.92 -20.28 -0.74
N PHE B 115 13.04 -20.51 -2.04
CA PHE B 115 12.90 -19.49 -3.09
C PHE B 115 13.85 -18.28 -2.93
N LYS B 116 15.13 -18.59 -2.77
CA LYS B 116 16.19 -17.59 -2.91
C LYS B 116 16.16 -17.00 -4.29
N GLY B 117 16.54 -15.73 -4.41
CA GLY B 117 16.61 -15.08 -5.70
C GLY B 117 15.51 -14.05 -5.89
N SER B 118 15.58 -13.33 -7.00
CA SER B 118 14.77 -12.14 -7.24
C SER B 118 13.37 -12.43 -7.77
N ASN B 119 13.08 -13.69 -8.09
CA ASN B 119 11.76 -14.03 -8.61
C ASN B 119 11.01 -14.98 -7.65
N ALA B 120 11.06 -14.71 -6.34
CA ALA B 120 10.52 -15.63 -5.35
C ALA B 120 9.04 -15.95 -5.56
N HIS B 121 8.25 -14.94 -5.93
CA HIS B 121 6.82 -15.16 -6.16
C HIS B 121 6.59 -16.12 -7.32
N GLU B 122 7.31 -15.90 -8.43
CA GLU B 122 7.25 -16.77 -9.60
C GLU B 122 7.59 -18.22 -9.23
N GLN B 123 8.63 -18.38 -8.41
CA GLN B 123 9.05 -19.68 -7.93
C GLN B 123 7.95 -20.32 -7.09
N ALA B 124 7.37 -19.54 -6.18
CA ALA B 124 6.33 -20.01 -5.27
C ALA B 124 5.10 -20.52 -6.04
N LEU B 125 4.63 -19.72 -7.01
CA LEU B 125 3.49 -20.10 -7.84
C LEU B 125 3.77 -21.36 -8.66
N GLU B 126 4.92 -21.38 -9.31
CA GLU B 126 5.36 -22.50 -10.13
C GLU B 126 5.54 -23.79 -9.29
N THR B 127 6.01 -23.64 -8.06
CA THR B 127 6.13 -24.78 -7.14
C THR B 127 4.78 -25.30 -6.61
N GLY B 128 3.75 -24.45 -6.63
CA GLY B 128 2.43 -24.84 -6.14
C GLY B 128 2.27 -24.88 -4.63
N VAL B 129 3.09 -24.13 -3.89
CA VAL B 129 2.90 -24.04 -2.44
C VAL B 129 1.55 -23.35 -2.11
N THR B 130 0.96 -23.68 -0.96
CA THR B 130 -0.23 -22.96 -0.51
C THR B 130 0.13 -21.97 0.57
N VAL B 131 1.33 -22.09 1.11
CA VAL B 131 1.85 -21.13 2.08
C VAL B 131 3.22 -20.56 1.63
N THR B 132 3.33 -19.25 1.54
CA THR B 132 4.65 -18.63 1.33
C THR B 132 4.84 -17.59 2.42
N GLY B 133 5.63 -16.54 2.19
CA GLY B 133 5.74 -15.48 3.19
C GLY B 133 6.90 -14.54 2.92
N CYS B 134 7.39 -13.86 3.95
CA CYS B 134 8.55 -13.00 3.80
C CYS B 134 9.52 -13.23 4.98
N THR B 135 10.77 -12.83 4.79
CA THR B 135 11.86 -12.96 5.75
C THR B 135 12.64 -11.67 5.82
N VAL B 136 12.85 -11.19 7.04
CA VAL B 136 13.91 -10.21 7.28
C VAL B 136 15.14 -10.95 7.78
N HIS B 137 16.27 -10.72 7.13
CA HIS B 137 17.50 -11.39 7.51
C HIS B 137 18.65 -10.42 7.47
N PHE B 138 19.68 -10.74 8.25
CA PHE B 138 20.94 -10.04 8.13
C PHE B 138 21.53 -10.36 6.77
N VAL B 139 22.16 -9.36 6.17
CA VAL B 139 22.83 -9.55 4.91
C VAL B 139 24.19 -10.20 5.14
N ALA B 140 24.33 -11.41 4.59
CA ALA B 140 25.61 -12.10 4.55
C ALA B 140 26.06 -12.13 3.08
N GLU B 141 27.27 -12.61 2.85
CA GLU B 141 27.87 -12.66 1.54
C GLU B 141 27.08 -13.50 0.56
N ASP B 142 26.74 -14.72 0.95
CA ASP B 142 25.85 -15.56 0.13
C ASP B 142 24.51 -14.88 0.12
N VAL B 143 24.01 -14.63 -1.09
CA VAL B 143 22.75 -13.96 -1.30
C VAL B 143 21.59 -14.70 -0.61
N ASP B 144 20.71 -13.95 0.03
CA ASP B 144 19.49 -14.49 0.65
C ASP B 144 19.75 -15.66 1.61
N ALA B 145 20.90 -15.65 2.29
CA ALA B 145 21.34 -16.75 3.15
C ALA B 145 21.86 -16.30 4.52
N GLY B 146 21.73 -15.00 4.83
CA GLY B 146 22.09 -14.47 6.14
C GLY B 146 21.13 -14.89 7.24
N GLN B 147 21.51 -14.64 8.48
CA GLN B 147 20.69 -15.06 9.63
C GLN B 147 19.31 -14.39 9.72
N ILE B 148 18.31 -15.23 9.97
CA ILE B 148 16.93 -14.82 9.91
C ILE B 148 16.55 -14.09 11.20
N ILE B 149 15.92 -12.93 11.08
CA ILE B 149 15.52 -12.18 12.27
C ILE B 149 14.05 -12.49 12.56
N LEU B 150 13.21 -12.24 11.57
CA LEU B 150 11.77 -12.46 11.66
C LEU B 150 11.24 -13.05 10.36
N GLN B 151 10.15 -13.79 10.46
CA GLN B 151 9.42 -14.26 9.29
C GLN B 151 7.92 -14.15 9.52
N GLU B 152 7.16 -14.09 8.43
CA GLU B 152 5.71 -14.19 8.51
C GLU B 152 5.14 -14.96 7.32
N ALA B 153 4.33 -15.97 7.64
CA ALA B 153 3.64 -16.79 6.66
C ALA B 153 2.48 -16.03 6.02
N VAL B 154 2.30 -16.29 4.73
CA VAL B 154 1.26 -15.70 3.92
C VAL B 154 0.65 -16.83 3.05
N PRO B 155 -0.68 -16.97 3.02
CA PRO B 155 -1.30 -17.98 2.16
C PRO B 155 -1.15 -17.58 0.68
N VAL B 156 -1.03 -18.58 -0.19
CA VAL B 156 -1.19 -18.37 -1.60
C VAL B 156 -2.63 -18.79 -1.92
N LYS B 157 -3.37 -17.95 -2.63
CA LYS B 157 -4.71 -18.36 -3.09
C LYS B 157 -4.65 -18.96 -4.50
N ARG B 158 -5.45 -19.99 -4.72
CA ARG B 158 -5.62 -20.57 -6.06
C ARG B 158 -6.00 -19.46 -7.03
N GLY B 159 -5.24 -19.32 -8.12
CA GLY B 159 -5.52 -18.29 -9.09
C GLY B 159 -4.72 -17.02 -8.86
N ASP B 160 -3.88 -17.01 -7.81
CA ASP B 160 -2.99 -15.89 -7.57
C ASP B 160 -2.14 -15.60 -8.81
N THR B 161 -1.86 -14.32 -9.05
CA THR B 161 -0.85 -13.93 -10.01
C THR B 161 0.34 -13.49 -9.16
N VAL B 162 1.43 -13.12 -9.84
CA VAL B 162 2.56 -12.49 -9.16
C VAL B 162 2.06 -11.22 -8.48
N ALA B 163 1.27 -10.44 -9.19
CA ALA B 163 0.76 -9.18 -8.67
C ALA B 163 -0.09 -9.34 -7.37
N THR B 164 -1.03 -10.30 -7.36
CA THR B 164 -1.84 -10.47 -6.15
C THR B 164 -1.06 -11.09 -4.99
N LEU B 165 -0.27 -12.12 -5.29
CA LEU B 165 0.61 -12.72 -4.30
C LEU B 165 1.60 -11.70 -3.71
N SER B 166 2.24 -10.91 -4.56
CA SER B 166 3.20 -9.89 -4.08
C SER B 166 2.56 -8.81 -3.20
N GLU B 167 1.35 -8.38 -3.56
CA GLU B 167 0.62 -7.45 -2.71
C GLU B 167 0.32 -8.06 -1.32
N ARG B 168 -0.10 -9.32 -1.28
CA ARG B 168 -0.34 -9.99 0.00
C ARG B 168 0.91 -10.10 0.87
N VAL B 169 2.04 -10.46 0.25
CA VAL B 169 3.31 -10.60 0.98
C VAL B 169 3.79 -9.21 1.47
N LYS B 170 3.58 -8.20 0.65
CA LYS B 170 4.02 -6.85 0.97
C LYS B 170 3.38 -6.36 2.28
N LEU B 171 2.08 -6.65 2.47
CA LEU B 171 1.43 -6.31 3.74
C LEU B 171 2.09 -6.98 4.94
N ALA B 172 2.55 -8.22 4.79
CA ALA B 172 3.29 -8.88 5.85
C ALA B 172 4.68 -8.25 6.00
N GLU B 173 5.28 -7.82 4.90
CA GLU B 173 6.56 -7.11 4.93
C GLU B 173 6.44 -5.81 5.75
N HIS B 174 5.32 -5.12 5.60
CA HIS B 174 5.08 -3.85 6.29
C HIS B 174 5.11 -4.05 7.77
N LYS B 175 4.68 -5.22 8.24
CA LYS B 175 4.72 -5.53 9.66
C LYS B 175 6.12 -5.93 10.15
N ILE B 176 6.77 -6.90 9.53
CA ILE B 176 8.02 -7.46 10.08
C ILE B 176 9.30 -6.66 9.78
N PHE B 177 9.31 -5.88 8.71
CA PHE B 177 10.51 -5.08 8.42
C PHE B 177 10.76 -4.01 9.52
N PRO B 178 9.79 -3.15 9.82
CA PRO B 178 9.97 -2.23 10.95
C PRO B 178 10.21 -2.97 12.28
N ALA B 179 9.50 -4.07 12.53
CA ALA B 179 9.69 -4.75 13.82
C ALA B 179 11.13 -5.25 13.96
N ALA B 180 11.66 -5.81 12.88
CA ALA B 180 13.04 -6.32 12.84
C ALA B 180 14.02 -5.14 12.96
N LEU B 181 13.76 -4.05 12.25
CA LEU B 181 14.54 -2.82 12.42
C LEU B 181 14.60 -2.37 13.88
N GLN B 182 13.45 -2.25 14.54
CA GLN B 182 13.40 -1.84 15.95
C GLN B 182 14.19 -2.80 16.87
N LEU B 183 14.12 -4.09 16.59
CA LEU B 183 14.80 -5.11 17.40
C LEU B 183 16.32 -5.01 17.31
N VAL B 184 16.85 -4.79 16.10
CA VAL B 184 18.28 -4.59 15.94
C VAL B 184 18.69 -3.21 16.48
N ALA B 185 17.91 -2.17 16.14
CA ALA B 185 18.25 -0.80 16.56
C ALA B 185 18.31 -0.64 18.07
N SER B 186 17.43 -1.33 18.78
CA SER B 186 17.39 -1.25 20.24
C SER B 186 18.43 -2.18 20.85
N GLY B 187 19.06 -2.99 20.02
CA GLY B 187 20.01 -3.98 20.50
C GLY B 187 19.36 -5.18 21.16
N THR B 188 18.04 -5.35 20.96
CA THR B 188 17.31 -6.52 21.46
C THR B 188 17.77 -7.78 20.75
N VAL B 189 18.06 -7.65 19.46
CA VAL B 189 18.53 -8.75 18.64
C VAL B 189 19.90 -8.38 18.11
N GLN B 190 20.85 -9.30 18.26
CA GLN B 190 22.18 -9.10 17.73
C GLN B 190 22.60 -10.32 16.93
N LEU B 191 23.53 -10.10 16.01
CA LEU B 191 24.33 -11.18 15.45
C LEU B 191 25.48 -11.44 16.45
N GLY B 192 25.61 -12.68 16.90
CA GLY B 192 26.69 -13.05 17.81
C GLY B 192 28.03 -13.16 17.09
N GLU B 193 29.10 -13.30 17.87
CA GLU B 193 30.45 -13.52 17.33
C GLU B 193 30.55 -14.86 16.61
N ASN B 194 29.70 -15.81 17.03
CA ASN B 194 29.61 -17.14 16.44
C ASN B 194 28.73 -17.20 15.20
N GLY B 195 28.21 -16.03 14.79
CA GLY B 195 27.43 -15.90 13.57
C GLY B 195 25.95 -16.22 13.69
N LYS B 196 25.49 -16.58 14.88
CA LYS B 196 24.08 -16.95 15.10
C LYS B 196 23.29 -15.77 15.66
N ILE B 197 21.98 -15.75 15.41
CA ILE B 197 21.10 -14.73 15.95
C ILE B 197 20.95 -14.90 17.46
N CYS B 198 21.15 -13.82 18.18
CA CYS B 198 21.07 -13.80 19.61
C CYS B 198 20.01 -12.79 20.08
N TRP B 199 19.09 -13.25 20.92
CA TRP B 199 18.14 -12.38 21.60
C TRP B 199 18.61 -12.05 23.02
N VAL B 200 19.05 -10.81 23.24
CA VAL B 200 19.58 -10.39 24.55
C VAL B 200 18.50 -10.50 25.64
P PO4 C . -8.32 8.88 -5.23
O1 PO4 C . -9.79 9.06 -5.42
O2 PO4 C . -7.96 9.11 -3.79
O3 PO4 C . -7.63 9.92 -6.08
O4 PO4 C . -7.87 7.51 -5.62
P PO4 D . -3.73 8.61 -23.13
O1 PO4 D . -3.12 8.29 -24.48
O2 PO4 D . -3.70 10.11 -22.88
O3 PO4 D . -2.94 7.92 -22.03
O4 PO4 D . -5.19 8.14 -23.16
N2A KT5 E . -2.23 -1.18 1.24
CD1 KT5 E . -2.82 -1.18 2.41
OEB KT5 E . -2.63 -0.37 3.33
CG1 KT5 E . -3.71 -2.33 2.51
CB1 KT5 E . -4.64 -2.33 3.71
CA1 KT5 E . -5.58 -3.49 3.73
C1A KT5 E . -6.29 -3.72 5.10
O11 KT5 E . -5.66 -4.38 5.91
O1A KT5 E . -7.51 -3.18 5.37
N1A KT5 E . -6.62 -3.20 2.67
C KT5 E . -6.70 -3.93 1.49
O KT5 E . -6.05 -4.95 1.25
C14 KT5 E . -7.70 -3.49 0.55
C15 KT5 E . -8.18 -2.08 0.56
C16 KT5 E . -9.16 -1.70 -0.39
C13 KT5 E . -8.22 -4.52 -0.39
C12 KT5 E . -9.22 -4.16 -1.35
C11 KT5 E . -9.72 -2.69 -1.33
C10 KT5 E . -10.95 -2.07 -2.18
C5 KT5 E . -10.87 -1.61 -3.70
C6 KT5 E . -9.88 -0.45 -3.90
F2 KT5 E . -8.62 -0.52 -3.37
F1 KT5 E . -10.50 0.52 -3.22
F3 KT5 E . -9.73 -0.18 -5.18
OA2 KT5 E . -11.80 -1.73 -4.43
OA1 KT5 E . -9.86 -2.68 -4.28
C1 KT5 E . -12.21 -2.87 -1.89
C2 KT5 E . -12.76 -2.30 -0.41
C3 KT5 E . -14.31 -2.01 -0.38
C4 KT5 E . -14.61 -2.75 0.88
C7 KT5 E . -14.37 -2.60 2.31
N8 KT5 E . -13.74 -1.46 2.77
C9 KT5 E . -15.26 -3.90 0.61
O1 KT5 E . -15.74 -4.52 -0.56
N3 KT5 E . -15.70 -5.01 1.68
C8 KT5 E . -15.38 -4.76 2.98
N2 KT5 E . -15.64 -5.67 3.95
N1 KT5 E . -14.77 -3.63 3.26
P PO4 F . 10.25 -2.35 -5.19
O1 PO4 F . 10.84 -3.75 -5.16
O2 PO4 F . 8.77 -2.41 -4.89
O3 PO4 F . 10.48 -1.74 -6.57
O4 PO4 F . 10.88 -1.49 -4.12
P PO4 G . 5.37 1.43 1.65
O1 PO4 G . 3.98 1.97 1.53
O2 PO4 G . 5.58 1.08 3.09
O3 PO4 G . 6.38 2.43 1.20
O4 PO4 G . 5.56 0.17 0.83
N2A KT5 H . 17.68 -7.66 -12.73
CD1 KT5 H . 18.60 -7.05 -11.99
OEB KT5 H . 18.77 -5.83 -11.91
CG1 KT5 H . 19.40 -8.04 -11.25
CB1 KT5 H . 20.75 -7.53 -10.77
CA1 KT5 H . 21.63 -8.53 -10.10
C1A KT5 H . 23.12 -8.03 -9.83
O11 KT5 H . 23.97 -8.23 -10.68
O1A KT5 H . 23.43 -7.38 -8.66
N1A KT5 H . 20.98 -8.84 -8.77
C KT5 H . 20.39 -10.04 -8.42
O KT5 H . 20.47 -11.03 -9.11
C14 KT5 H . 19.68 -10.08 -7.15
C15 KT5 H . 19.22 -8.82 -6.49
C16 KT5 H . 18.64 -8.90 -5.20
C13 KT5 H . 19.53 -11.41 -6.48
C12 KT5 H . 18.94 -11.50 -5.18
C11 KT5 H . 18.48 -10.19 -4.51
C10 KT5 H . 17.91 -9.99 -3.00
C5 KT5 H . 16.44 -10.40 -2.57
C6 KT5 H . 15.39 -9.56 -3.29
F2 KT5 H . 15.50 -9.42 -4.68
F1 KT5 H . 15.73 -8.39 -2.78
F3 KT5 H . 14.16 -9.92 -2.93
OA2 KT5 H . 16.21 -10.76 -1.48
OA1 KT5 H . 16.26 -11.76 -3.39
C1 KT5 H . 18.94 -10.48 -1.98
C2 KT5 H . 19.80 -9.06 -1.72
C3 KT5 H . 20.42 -8.96 -0.28
C4 KT5 H . 21.90 -8.97 -0.57
C7 KT5 H . 22.94 -8.13 -1.20
N8 KT5 H . 22.65 -6.96 -1.85
C9 KT5 H . 22.42 -10.12 -0.09
O1 KT5 H . 21.95 -11.18 0.72
N3 KT5 H . 23.99 -10.54 -0.16
C8 KT5 H . 24.82 -9.67 -0.76
N2 KT5 H . 26.08 -10.01 -1.07
N1 KT5 H . 24.33 -8.54 -1.23
#